data_7P2U
#
_entry.id   7P2U
#
_cell.length_a   70.369
_cell.length_b   70.369
_cell.length_c   186.346
_cell.angle_alpha   90.000
_cell.angle_beta   90.000
_cell.angle_gamma   90.000
#
_symmetry.space_group_name_H-M   'P 41 21 2'
#
loop_
_entity.id
_entity.type
_entity.pdbx_description
1 polymer 'Histone deacetylase 8'
2 non-polymer 'ZINC ION'
3 non-polymer 'POTASSIUM ION'
4 non-polymer 'CHLORIDE ION'
5 non-polymer 'L(+)-TARTARIC ACID'
6 non-polymer "5-[[(2R)-2-(3-chlorophenyl)-1'-methyl-spiro[2H-indole-3,4'-piperidine]-1-yl]methyl]-N-oxidanyl-thiophene-2-carboxamide"
7 water water
#
_entity_poly.entity_id   1
_entity_poly.type   'polypeptide(L)'
_entity_poly.pdbx_seq_one_letter_code
;MSVGIVYGDQYRQLCCSSPKFGDRYALVMDLINAYKLIPELSRVPPLQWDSPSRMYEAVTAFHSTEYVDALKKLQMLHCE
EKELTADDELLMDSFSLNYDCPGFPSVFDYSLAAVQGSLAAASALICRHCEVVINWGGGWHHAKRSEASGFCYLNDIVLA
IHRLVSSTPPETSPNRQTRVLYVDLDLHHGDGVEEAFWYSPRVVTFSVHHASPGFFPGTGTWNMVDNDKLPIFLNGAGRG
RFSAFNLPLEEGINDLDWSNAIGPILDSLNIVIQPSYVVVQCGADCLATDPHRIFRLTNFYPNLNLDSDCDSECSLSGYL
YAIKKILSWKVPTLILGGGGYNFPDTARLWTRVTALTIEEVKGKKMTISPEIPEHSYFSRYGPDFELDIDYFPHKSHNKT
LDSIQKHHRRILEQLRNYADLNKLIYDYDQVYQLYNLTGM
;
_entity_poly.pdbx_strand_id   A
#
loop_
_chem_comp.id
_chem_comp.type
_chem_comp.name
_chem_comp.formula
4WB non-polymer 5-[[(2R)-2-(3-chlorophenyl)-1'-methyl-spiro[2H-indole-3,4'-piperidine]-1-yl]methyl]-N-oxidanyl-thiophene-2-carboxamide 'C25 H26 Cl N3 O2 S'
CL non-polymer 'CHLORIDE ION' 'Cl -1'
K non-polymer 'POTASSIUM ION' 'K 1'
TLA non-polymer 'L(+)-TARTARIC ACID' 'C4 H6 O6'
ZN non-polymer 'ZINC ION' 'Zn 2'
#
# COMPACT_ATOMS: atom_id res chain seq x y z
N MET A 1 15.27 -10.39 -13.63
CA MET A 1 14.60 -9.71 -14.78
C MET A 1 14.58 -8.19 -14.53
N SER A 2 13.57 -7.51 -15.08
CA SER A 2 13.40 -6.05 -15.19
C SER A 2 12.56 -5.54 -13.99
N VAL A 3 12.95 -4.41 -13.41
CA VAL A 3 12.21 -3.62 -12.38
C VAL A 3 11.73 -2.34 -13.05
N GLY A 4 10.42 -2.12 -13.08
CA GLY A 4 9.83 -0.89 -13.61
C GLY A 4 9.49 0.09 -12.51
N ILE A 5 9.39 1.36 -12.86
CA ILE A 5 8.99 2.41 -11.91
C ILE A 5 8.11 3.40 -12.68
N VAL A 6 7.00 3.79 -12.09
CA VAL A 6 6.02 4.72 -12.73
C VAL A 6 6.49 6.14 -12.51
N TYR A 7 6.72 6.86 -13.60
CA TYR A 7 6.97 8.33 -13.56
C TYR A 7 6.69 8.93 -14.94
N GLY A 8 6.68 10.25 -14.96
CA GLY A 8 6.38 11.09 -16.13
C GLY A 8 6.22 12.51 -15.67
N ASP A 9 6.34 13.50 -16.58
CA ASP A 9 6.26 14.93 -16.22
C ASP A 9 4.88 15.27 -15.65
N GLN A 10 3.83 14.94 -16.37
CA GLN A 10 2.42 15.23 -15.98
C GLN A 10 2.13 14.46 -14.68
N TYR A 11 2.50 13.18 -14.64
CA TYR A 11 2.30 12.30 -13.48
C TYR A 11 2.89 12.91 -12.22
N ARG A 12 4.13 13.37 -12.30
CA ARG A 12 4.80 14.01 -11.15
C ARG A 12 4.04 15.26 -10.71
N GLN A 13 3.70 16.11 -11.66
CA GLN A 13 2.93 17.35 -11.36
C GLN A 13 1.60 17.00 -10.65
N LEU A 14 0.84 16.03 -11.15
CA LEU A 14 -0.46 15.61 -10.56
C LEU A 14 -0.25 15.01 -9.17
N CYS A 15 0.76 14.15 -8.99
CA CYS A 15 1.06 13.47 -7.71
C CYS A 15 1.55 14.49 -6.67
N CYS A 16 2.03 15.66 -7.10
CA CYS A 16 2.50 16.73 -6.21
C CYS A 16 1.48 17.85 -6.04
N SER A 17 0.22 17.65 -6.46
CA SER A 17 -0.79 18.74 -6.52
C SER A 17 -1.77 18.71 -5.33
N SER A 18 -1.63 17.78 -4.39
CA SER A 18 -2.54 17.65 -3.22
C SER A 18 -2.00 18.46 -2.05
N PRO A 19 -2.90 19.04 -1.21
CA PRO A 19 -2.47 19.78 -0.03
C PRO A 19 -1.88 18.85 1.05
N LYS A 20 -2.36 17.61 1.16
CA LYS A 20 -1.88 16.71 2.24
C LYS A 20 -0.49 16.15 1.89
N PHE A 21 -0.24 15.70 0.65
CA PHE A 21 1.04 15.03 0.31
C PHE A 21 2.03 16.02 -0.33
N GLY A 22 1.60 17.25 -0.66
CA GLY A 22 2.47 18.30 -1.28
C GLY A 22 3.44 17.68 -2.29
N ASP A 23 4.74 17.95 -2.13
CA ASP A 23 5.81 17.58 -3.07
C ASP A 23 6.51 16.27 -2.65
N ARG A 24 5.90 15.46 -1.75
CA ARG A 24 6.47 14.15 -1.32
C ARG A 24 6.96 13.32 -2.52
N TYR A 25 6.11 13.11 -3.51
CA TYR A 25 6.41 12.27 -4.68
C TYR A 25 7.71 12.78 -5.36
N ALA A 26 7.89 14.10 -5.42
CA ALA A 26 9.09 14.75 -6.02
C ALA A 26 10.35 14.43 -5.19
N LEU A 27 10.26 14.49 -3.87
CA LEU A 27 11.42 14.16 -3.01
C LEU A 27 11.76 12.70 -3.24
N VAL A 28 10.75 11.84 -3.26
CA VAL A 28 10.99 10.39 -3.43
C VAL A 28 11.75 10.18 -4.75
N MET A 29 11.20 10.66 -5.87
CA MET A 29 11.76 10.30 -7.20
C MET A 29 13.11 11.00 -7.38
N ASP A 30 13.28 12.20 -6.82
CA ASP A 30 14.54 12.96 -6.95
C ASP A 30 15.63 12.31 -6.10
N LEU A 31 15.29 11.70 -4.96
CA LEU A 31 16.29 10.97 -4.16
C LEU A 31 16.69 9.68 -4.89
N ILE A 32 15.73 8.98 -5.48
CA ILE A 32 16.05 7.78 -6.28
C ILE A 32 17.01 8.21 -7.40
N ASN A 33 16.73 9.35 -8.01
CA ASN A 33 17.54 9.88 -9.14
C ASN A 33 18.92 10.32 -8.62
N ALA A 34 19.00 10.93 -7.46
CA ALA A 34 20.28 11.37 -6.86
C ALA A 34 21.19 10.14 -6.61
N TYR A 35 20.62 9.00 -6.30
CA TYR A 35 21.41 7.77 -6.04
C TYR A 35 21.71 6.98 -7.31
N LYS A 36 21.40 7.49 -8.51
CA LYS A 36 21.76 6.91 -9.83
C LYS A 36 21.01 5.59 -10.02
N LEU A 37 19.78 5.50 -9.51
CA LEU A 37 19.00 4.26 -9.67
C LEU A 37 18.18 4.30 -10.98
N ILE A 38 17.87 5.47 -11.53
CA ILE A 38 16.93 5.58 -12.69
C ILE A 38 17.40 4.75 -13.89
N PRO A 39 18.71 4.75 -14.25
CA PRO A 39 19.21 3.88 -15.31
C PRO A 39 19.08 2.38 -15.07
N GLU A 40 18.87 1.94 -13.83
CA GLU A 40 18.63 0.50 -13.53
C GLU A 40 17.15 0.13 -13.70
N LEU A 41 16.29 1.11 -13.95
CA LEU A 41 14.80 0.91 -13.87
C LEU A 41 14.15 1.15 -15.24
N SER A 42 13.12 0.38 -15.52
CA SER A 42 12.32 0.50 -16.75
C SER A 42 11.22 1.51 -16.44
N ARG A 43 11.21 2.65 -17.16
N ARG A 43 11.22 2.67 -17.13
CA ARG A 43 10.17 3.70 -17.00
CA ARG A 43 10.16 3.70 -16.97
C ARG A 43 8.81 3.13 -17.44
C ARG A 43 8.83 3.09 -17.43
N VAL A 44 7.80 3.16 -16.57
CA VAL A 44 6.42 2.68 -16.86
C VAL A 44 5.53 3.92 -16.90
N PRO A 45 5.03 4.31 -18.10
CA PRO A 45 4.24 5.52 -18.23
C PRO A 45 2.83 5.28 -17.68
N PRO A 46 2.22 6.27 -17.03
CA PRO A 46 0.85 6.11 -16.54
C PRO A 46 -0.12 5.77 -17.67
N LEU A 47 -1.10 4.90 -17.42
CA LEU A 47 -2.12 4.52 -18.44
C LEU A 47 -2.94 5.76 -18.81
N GLN A 48 -3.30 5.87 -20.08
CA GLN A 48 -4.21 6.91 -20.61
C GLN A 48 -5.38 6.23 -21.35
N TRP A 49 -6.53 6.89 -21.38
CA TRP A 49 -7.78 6.30 -21.94
C TRP A 49 -8.15 7.04 -23.23
N ASP A 50 -8.66 6.32 -24.20
CA ASP A 50 -8.99 6.85 -25.54
C ASP A 50 -10.19 7.79 -25.52
N SER A 51 -10.95 7.81 -24.42
CA SER A 51 -12.13 8.70 -24.26
C SER A 51 -12.53 8.78 -22.79
N PRO A 52 -13.30 9.84 -22.42
CA PRO A 52 -13.93 9.91 -21.09
C PRO A 52 -14.71 8.63 -20.74
N SER A 53 -15.48 8.07 -21.68
CA SER A 53 -16.29 6.84 -21.44
C SER A 53 -15.38 5.68 -21.05
N ARG A 54 -14.23 5.52 -21.72
CA ARG A 54 -13.30 4.41 -21.40
C ARG A 54 -12.72 4.63 -19.99
N MET A 55 -12.37 5.86 -19.63
CA MET A 55 -11.89 6.22 -18.26
C MET A 55 -12.98 5.87 -17.24
N TYR A 56 -14.24 6.29 -17.47
CA TYR A 56 -15.37 6.06 -16.54
C TYR A 56 -15.61 4.57 -16.34
N GLU A 57 -15.55 3.78 -17.40
CA GLU A 57 -15.73 2.31 -17.34
C GLU A 57 -14.66 1.70 -16.43
N ALA A 58 -13.40 2.11 -16.57
CA ALA A 58 -12.27 1.54 -15.80
C ALA A 58 -12.46 1.84 -14.31
N VAL A 59 -12.72 3.10 -13.95
CA VAL A 59 -12.80 3.57 -12.54
C VAL A 59 -14.09 2.98 -11.93
N THR A 60 -15.19 2.89 -12.70
CA THR A 60 -16.48 2.34 -12.19
C THR A 60 -16.46 0.82 -12.22
N ALA A 61 -15.37 0.16 -12.59
CA ALA A 61 -15.18 -1.28 -12.30
C ALA A 61 -15.25 -1.48 -10.77
N PHE A 62 -14.90 -0.47 -9.98
CA PHE A 62 -14.98 -0.55 -8.51
C PHE A 62 -15.95 0.51 -8.02
N HIS A 63 -15.67 1.76 -8.33
CA HIS A 63 -16.41 2.90 -7.76
C HIS A 63 -17.79 3.01 -8.45
N SER A 64 -18.76 3.56 -7.73
CA SER A 64 -20.12 3.86 -8.25
C SER A 64 -20.08 5.10 -9.17
N THR A 65 -20.91 5.15 -10.23
CA THR A 65 -20.91 6.31 -11.15
C THR A 65 -21.21 7.58 -10.37
N GLU A 66 -22.09 7.53 -9.37
CA GLU A 66 -22.51 8.75 -8.65
C GLU A 66 -21.33 9.29 -7.82
N TYR A 67 -20.51 8.41 -7.25
CA TYR A 67 -19.31 8.86 -6.48
C TYR A 67 -18.31 9.52 -7.44
N VAL A 68 -17.99 8.84 -8.54
CA VAL A 68 -17.07 9.41 -9.58
C VAL A 68 -17.62 10.76 -10.07
N ASP A 69 -18.92 10.85 -10.35
CA ASP A 69 -19.62 12.11 -10.72
C ASP A 69 -19.39 13.17 -9.64
N ALA A 70 -19.60 12.84 -8.35
CA ALA A 70 -19.43 13.84 -7.28
C ALA A 70 -17.96 14.27 -7.20
N LEU A 71 -17.01 13.35 -7.33
CA LEU A 71 -15.56 13.72 -7.22
C LEU A 71 -15.19 14.68 -8.37
N LYS A 72 -15.70 14.39 -9.58
CA LYS A 72 -15.50 15.23 -10.78
C LYS A 72 -16.12 16.59 -10.49
N LYS A 73 -17.29 16.62 -9.88
CA LYS A 73 -17.94 17.94 -9.62
C LYS A 73 -17.20 18.71 -8.54
N LEU A 74 -16.64 18.02 -7.55
CA LEU A 74 -15.90 18.70 -6.47
C LEU A 74 -14.71 19.44 -7.09
N GLN A 75 -14.02 18.79 -8.04
CA GLN A 75 -12.89 19.44 -8.75
C GLN A 75 -13.43 20.70 -9.46
N MET A 76 -14.51 20.58 -10.24
CA MET A 76 -15.11 21.75 -10.97
C MET A 76 -15.42 22.88 -9.98
N LEU A 77 -16.08 22.56 -8.86
CA LEU A 77 -16.47 23.57 -7.83
C LEU A 77 -15.22 24.26 -7.27
N HIS A 78 -14.14 23.54 -6.95
CA HIS A 78 -12.94 24.15 -6.32
C HIS A 78 -12.11 24.97 -7.35
N CYS A 79 -12.33 24.80 -8.64
CA CYS A 79 -11.70 25.63 -9.70
C CYS A 79 -12.52 26.89 -9.99
N GLU A 80 -13.37 27.34 -9.06
CA GLU A 80 -14.24 28.54 -9.23
C GLU A 80 -14.29 29.35 -7.93
N GLU A 81 -14.62 30.63 -8.03
CA GLU A 81 -14.68 31.58 -6.88
C GLU A 81 -16.00 31.35 -6.11
N LYS A 82 -17.07 31.05 -6.84
CA LYS A 82 -18.42 30.68 -6.30
C LYS A 82 -18.24 29.70 -5.12
N GLU A 83 -18.80 30.05 -3.96
CA GLU A 83 -18.98 29.13 -2.80
C GLU A 83 -19.93 28.01 -3.24
N LEU A 84 -19.92 26.86 -2.55
CA LEU A 84 -20.84 25.74 -2.89
C LEU A 84 -22.27 26.14 -2.51
N THR A 85 -23.28 25.62 -3.19
CA THR A 85 -24.70 25.75 -2.76
C THR A 85 -24.91 24.83 -1.53
N ALA A 86 -25.97 25.07 -0.75
CA ALA A 86 -26.41 24.20 0.36
C ALA A 86 -26.51 22.76 -0.15
N ASP A 87 -27.15 22.52 -1.30
CA ASP A 87 -27.34 21.15 -1.84
C ASP A 87 -25.99 20.54 -2.29
N ASP A 88 -25.03 21.34 -2.75
CA ASP A 88 -23.69 20.84 -3.15
C ASP A 88 -22.93 20.36 -1.88
N GLU A 89 -22.96 21.14 -0.81
CA GLU A 89 -22.38 20.79 0.52
C GLU A 89 -22.95 19.44 0.95
N LEU A 90 -24.27 19.24 0.90
CA LEU A 90 -24.92 17.95 1.26
C LEU A 90 -24.44 16.79 0.37
N LEU A 91 -24.46 16.98 -0.95
CA LEU A 91 -23.98 15.93 -1.89
C LEU A 91 -22.55 15.54 -1.50
N MET A 92 -21.66 16.51 -1.34
CA MET A 92 -20.21 16.22 -1.06
C MET A 92 -20.10 15.53 0.31
N ASP A 93 -20.84 16.02 1.32
CA ASP A 93 -20.87 15.36 2.66
C ASP A 93 -21.34 13.91 2.52
N SER A 94 -22.31 13.60 1.66
CA SER A 94 -22.87 12.24 1.53
C SER A 94 -21.81 11.24 1.01
N PHE A 95 -20.73 11.71 0.39
CA PHE A 95 -19.67 10.82 -0.15
C PHE A 95 -18.39 10.98 0.66
N SER A 96 -18.48 11.63 1.84
CA SER A 96 -17.37 11.98 2.75
C SER A 96 -16.29 12.75 1.97
N LEU A 97 -16.69 13.54 0.97
CA LEU A 97 -15.80 14.51 0.31
C LEU A 97 -15.72 15.78 1.16
N ASN A 98 -15.18 15.65 2.37
CA ASN A 98 -15.01 16.75 3.35
C ASN A 98 -14.08 16.26 4.48
N TYR A 99 -13.90 17.08 5.52
CA TYR A 99 -13.10 16.72 6.74
C TYR A 99 -11.72 16.26 6.27
N ASP A 100 -11.41 14.96 6.31
CA ASP A 100 -10.05 14.43 5.97
C ASP A 100 -9.88 14.35 4.45
N CYS A 101 -10.99 14.38 3.69
CA CYS A 101 -10.98 14.25 2.22
C CYS A 101 -11.60 15.48 1.57
N PRO A 102 -11.00 16.66 1.81
CA PRO A 102 -11.54 17.91 1.25
C PRO A 102 -11.34 18.02 -0.27
N GLY A 103 -12.05 18.97 -0.88
CA GLY A 103 -11.83 19.39 -2.27
C GLY A 103 -10.61 20.27 -2.40
N PHE A 104 -10.05 20.30 -3.60
CA PHE A 104 -8.97 21.21 -4.02
C PHE A 104 -9.00 21.18 -5.54
N PRO A 105 -8.37 22.17 -6.21
CA PRO A 105 -8.56 22.33 -7.66
C PRO A 105 -8.24 21.12 -8.55
N SER A 106 -7.34 20.22 -8.11
CA SER A 106 -6.86 19.04 -8.88
C SER A 106 -7.33 17.74 -8.23
N VAL A 107 -8.31 17.79 -7.31
CA VAL A 107 -8.67 16.55 -6.55
C VAL A 107 -9.00 15.38 -7.47
N PHE A 108 -9.77 15.53 -8.53
CA PHE A 108 -10.07 14.39 -9.43
C PHE A 108 -8.78 13.97 -10.17
N ASP A 109 -8.07 14.94 -10.75
CA ASP A 109 -6.91 14.62 -11.64
C ASP A 109 -5.85 13.90 -10.76
N TYR A 110 -5.64 14.40 -9.55
CA TYR A 110 -4.69 13.86 -8.54
C TYR A 110 -5.03 12.40 -8.24
N SER A 111 -6.29 12.16 -7.89
CA SER A 111 -6.80 10.82 -7.47
C SER A 111 -6.72 9.86 -8.67
N LEU A 112 -7.14 10.33 -9.85
CA LEU A 112 -7.13 9.48 -11.06
C LEU A 112 -5.67 9.16 -11.47
N ALA A 113 -4.74 10.09 -11.29
CA ALA A 113 -3.31 9.83 -11.61
C ALA A 113 -2.80 8.56 -10.90
N ALA A 114 -3.05 8.40 -9.59
CA ALA A 114 -2.67 7.17 -8.88
C ALA A 114 -3.23 5.94 -9.59
N VAL A 115 -4.48 6.00 -10.05
CA VAL A 115 -5.13 4.89 -10.79
C VAL A 115 -4.35 4.63 -12.10
N GLN A 116 -4.08 5.69 -12.86
CA GLN A 116 -3.32 5.59 -14.14
C GLN A 116 -2.00 4.86 -13.89
N GLY A 117 -1.28 5.24 -12.83
CA GLY A 117 0.01 4.66 -12.50
C GLY A 117 -0.11 3.20 -12.12
N SER A 118 -1.03 2.84 -11.24
CA SER A 118 -1.13 1.44 -10.76
C SER A 118 -1.69 0.50 -11.83
N LEU A 119 -2.59 0.97 -12.69
CA LEU A 119 -3.10 0.17 -13.83
C LEU A 119 -1.96 -0.12 -14.84
N ALA A 120 -1.15 0.87 -15.18
CA ALA A 120 0.05 0.70 -16.07
C ALA A 120 1.02 -0.29 -15.45
N ALA A 121 1.27 -0.20 -14.14
CA ALA A 121 2.14 -1.13 -13.41
C ALA A 121 1.58 -2.55 -13.53
N ALA A 122 0.29 -2.76 -13.29
CA ALA A 122 -0.27 -4.11 -13.38
C ALA A 122 -0.13 -4.63 -14.83
N SER A 123 -0.32 -3.77 -15.81
CA SER A 123 -0.21 -4.15 -17.26
C SER A 123 1.21 -4.59 -17.60
N ALA A 124 2.22 -3.93 -17.01
CA ALA A 124 3.65 -4.22 -17.27
C ALA A 124 3.97 -5.59 -16.71
N LEU A 125 3.33 -5.99 -15.62
CA LEU A 125 3.52 -7.35 -15.04
C LEU A 125 2.78 -8.37 -15.89
N ILE A 126 1.56 -8.05 -16.30
CA ILE A 126 0.71 -9.08 -16.96
C ILE A 126 1.39 -9.52 -18.28
N CYS A 127 2.01 -8.56 -19.00
CA CYS A 127 2.65 -8.82 -20.31
C CYS A 127 4.11 -9.23 -20.13
N ARG A 128 4.57 -9.37 -18.88
CA ARG A 128 5.92 -9.87 -18.52
C ARG A 128 7.01 -8.91 -19.02
N HIS A 129 6.71 -7.64 -19.25
CA HIS A 129 7.74 -6.61 -19.51
C HIS A 129 8.62 -6.43 -18.26
N CYS A 130 8.05 -6.53 -17.06
CA CYS A 130 8.79 -6.40 -15.79
C CYS A 130 8.40 -7.55 -14.86
N GLU A 131 9.32 -7.98 -14.01
CA GLU A 131 9.10 -8.91 -12.90
C GLU A 131 8.53 -8.13 -11.68
N VAL A 132 8.89 -6.85 -11.52
CA VAL A 132 8.45 -6.00 -10.38
C VAL A 132 8.20 -4.60 -10.93
N VAL A 133 7.13 -3.96 -10.49
CA VAL A 133 6.91 -2.53 -10.85
C VAL A 133 6.59 -1.78 -9.57
N ILE A 134 7.21 -0.63 -9.41
CA ILE A 134 7.07 0.27 -8.26
C ILE A 134 6.23 1.47 -8.69
N ASN A 135 5.26 1.84 -7.87
CA ASN A 135 4.51 3.10 -8.05
C ASN A 135 4.42 3.84 -6.71
N TRP A 136 5.33 4.79 -6.49
CA TRP A 136 5.38 5.61 -5.25
C TRP A 136 4.29 6.67 -5.25
N GLY A 137 3.53 6.82 -6.35
CA GLY A 137 2.37 7.72 -6.39
C GLY A 137 1.06 7.01 -6.06
N GLY A 138 1.07 5.70 -5.80
CA GLY A 138 -0.16 4.92 -5.53
C GLY A 138 -0.20 4.35 -4.12
N GLY A 139 -1.17 3.49 -3.86
CA GLY A 139 -1.33 2.77 -2.58
C GLY A 139 -2.43 3.36 -1.72
N TRP A 140 -3.51 3.92 -2.32
CA TRP A 140 -4.57 4.67 -1.58
C TRP A 140 -5.66 3.70 -1.11
N HIS A 141 -5.25 2.89 -0.14
CA HIS A 141 -5.95 1.65 0.30
C HIS A 141 -7.30 1.93 0.98
N HIS A 142 -7.63 3.15 1.40
CA HIS A 142 -8.85 3.42 2.24
C HIS A 142 -10.06 3.75 1.38
N ALA A 143 -9.89 4.12 0.11
CA ALA A 143 -11.02 4.59 -0.72
C ALA A 143 -12.00 3.43 -0.91
N LYS A 144 -13.28 3.71 -0.80
CA LYS A 144 -14.34 2.68 -0.91
C LYS A 144 -15.20 2.96 -2.15
N ARG A 145 -16.09 2.02 -2.45
CA ARG A 145 -16.97 2.04 -3.64
C ARG A 145 -17.55 3.45 -3.82
N SER A 146 -18.20 4.01 -2.79
CA SER A 146 -18.92 5.30 -2.86
C SER A 146 -18.52 6.23 -1.71
N GLU A 147 -17.25 6.23 -1.30
CA GLU A 147 -16.78 7.07 -0.17
C GLU A 147 -15.28 7.32 -0.29
N ALA A 148 -14.83 8.57 -0.16
CA ALA A 148 -13.44 8.97 0.12
C ALA A 148 -13.17 8.63 1.59
N SER A 149 -11.97 8.20 1.92
CA SER A 149 -11.61 7.93 3.33
C SER A 149 -10.11 8.07 3.51
N GLY A 150 -9.70 8.72 4.59
CA GLY A 150 -8.29 8.79 5.04
C GLY A 150 -7.36 9.29 3.94
N PHE A 151 -7.65 10.49 3.38
N PHE A 151 -7.74 10.38 3.28
CA PHE A 151 -7.13 11.19 2.16
CA PHE A 151 -6.90 11.07 2.28
C PHE A 151 -6.93 10.27 0.95
C PHE A 151 -6.89 10.26 0.96
N CYS A 152 -7.74 9.21 0.85
CA CYS A 152 -7.83 8.32 -0.32
C CYS A 152 -9.15 8.58 -1.06
N TYR A 153 -9.08 9.02 -2.32
CA TYR A 153 -10.27 9.36 -3.15
C TYR A 153 -10.64 8.25 -4.14
N LEU A 154 -9.66 7.61 -4.79
CA LEU A 154 -9.95 6.49 -5.71
C LEU A 154 -8.98 5.37 -5.34
N ASN A 155 -9.48 4.14 -5.30
CA ASN A 155 -8.71 2.98 -4.87
C ASN A 155 -7.95 2.41 -6.07
N ASP A 156 -6.76 2.97 -6.28
CA ASP A 156 -5.82 2.51 -7.33
C ASP A 156 -5.49 1.06 -7.06
N ILE A 157 -5.45 0.63 -5.78
CA ILE A 157 -4.99 -0.75 -5.47
C ILE A 157 -6.07 -1.72 -5.94
N VAL A 158 -7.34 -1.44 -5.62
CA VAL A 158 -8.46 -2.37 -5.96
C VAL A 158 -8.53 -2.55 -7.47
N LEU A 159 -8.39 -1.45 -8.20
CA LEU A 159 -8.46 -1.44 -9.70
C LEU A 159 -7.25 -2.20 -10.28
N ALA A 160 -6.04 -2.05 -9.73
CA ALA A 160 -4.86 -2.80 -10.22
C ALA A 160 -5.06 -4.29 -9.94
N ILE A 161 -5.54 -4.64 -8.75
CA ILE A 161 -5.76 -6.06 -8.38
C ILE A 161 -6.84 -6.63 -9.29
N HIS A 162 -7.88 -5.84 -9.62
CA HIS A 162 -8.97 -6.28 -10.54
C HIS A 162 -8.35 -6.61 -11.91
N ARG A 163 -7.49 -5.75 -12.43
CA ARG A 163 -6.78 -6.03 -13.71
C ARG A 163 -5.96 -7.31 -13.57
N LEU A 164 -5.22 -7.50 -12.49
CA LEU A 164 -4.38 -8.72 -12.31
C LEU A 164 -5.24 -10.00 -12.31
N VAL A 165 -6.27 -10.11 -11.44
CA VAL A 165 -7.09 -11.35 -11.31
C VAL A 165 -7.85 -11.63 -12.62
N SER A 166 -8.21 -10.59 -13.37
CA SER A 166 -8.98 -10.68 -14.64
C SER A 166 -8.12 -11.17 -15.80
N SER A 167 -6.81 -11.33 -15.62
CA SER A 167 -5.84 -11.79 -16.64
C SER A 167 -5.70 -13.32 -16.60
N THR A 168 -4.96 -13.87 -17.57
CA THR A 168 -4.68 -15.32 -17.80
C THR A 168 -3.23 -15.49 -18.30
N GLN A 177 -5.71 -20.83 -12.68
CA GLN A 177 -6.56 -19.83 -11.98
C GLN A 177 -5.65 -18.81 -11.26
N THR A 178 -5.81 -17.54 -11.61
CA THR A 178 -5.03 -16.39 -11.10
C THR A 178 -5.45 -16.10 -9.67
N ARG A 179 -4.52 -16.20 -8.71
CA ARG A 179 -4.68 -15.73 -7.32
C ARG A 179 -3.71 -14.55 -7.06
N VAL A 180 -4.17 -13.56 -6.32
CA VAL A 180 -3.36 -12.42 -5.91
C VAL A 180 -3.24 -12.41 -4.38
N LEU A 181 -2.03 -12.22 -3.89
CA LEU A 181 -1.81 -11.99 -2.45
C LEU A 181 -1.53 -10.51 -2.27
N TYR A 182 -2.38 -9.84 -1.50
CA TYR A 182 -2.19 -8.41 -1.12
C TYR A 182 -1.62 -8.35 0.29
N VAL A 183 -0.51 -7.63 0.44
CA VAL A 183 0.20 -7.37 1.73
C VAL A 183 0.19 -5.87 1.96
N ASP A 184 -0.35 -5.44 3.10
CA ASP A 184 -0.52 -4.00 3.43
C ASP A 184 0.35 -3.71 4.65
N LEU A 185 1.49 -3.04 4.47
CA LEU A 185 2.50 -2.76 5.53
C LEU A 185 2.28 -1.39 6.16
N ASP A 186 1.33 -0.60 5.65
CA ASP A 186 0.97 0.74 6.20
C ASP A 186 0.64 0.62 7.71
N LEU A 187 0.88 1.68 8.46
CA LEU A 187 0.46 1.81 9.88
C LEU A 187 -1.04 1.53 10.02
N HIS A 188 -1.83 1.89 9.00
CA HIS A 188 -3.31 1.81 9.03
C HIS A 188 -3.80 0.53 8.37
N HIS A 189 -4.92 0.00 8.86
CA HIS A 189 -5.61 -1.17 8.30
C HIS A 189 -6.00 -0.90 6.83
N GLY A 190 -5.73 -1.86 5.94
CA GLY A 190 -6.12 -1.84 4.52
C GLY A 190 -7.58 -2.18 4.32
N ASP A 191 -8.47 -1.37 4.88
CA ASP A 191 -9.91 -1.65 4.92
C ASP A 191 -10.51 -1.64 3.50
N GLY A 192 -10.19 -0.67 2.65
CA GLY A 192 -10.92 -0.52 1.36
C GLY A 192 -10.60 -1.71 0.48
N VAL A 193 -9.36 -2.18 0.52
CA VAL A 193 -8.92 -3.33 -0.31
C VAL A 193 -9.55 -4.60 0.25
N GLU A 194 -9.50 -4.74 1.56
CA GLU A 194 -10.07 -5.94 2.24
C GLU A 194 -11.57 -6.04 1.91
N GLU A 195 -12.29 -4.94 1.98
CA GLU A 195 -13.75 -4.91 1.73
C GLU A 195 -14.05 -5.22 0.26
N ALA A 196 -13.30 -4.63 -0.68
CA ALA A 196 -13.47 -4.84 -2.14
C ALA A 196 -13.47 -6.35 -2.44
N PHE A 197 -12.65 -7.14 -1.75
CA PHE A 197 -12.44 -8.57 -2.10
C PHE A 197 -12.97 -9.52 -1.01
N TRP A 198 -13.80 -9.00 -0.11
CA TRP A 198 -14.36 -9.70 1.07
C TRP A 198 -15.01 -11.03 0.67
N TYR A 199 -15.63 -11.10 -0.51
CA TYR A 199 -16.37 -12.31 -0.97
C TYR A 199 -15.57 -13.15 -1.96
N SER A 200 -14.31 -12.84 -2.21
CA SER A 200 -13.48 -13.56 -3.20
C SER A 200 -12.36 -14.36 -2.52
N PRO A 201 -12.23 -15.66 -2.80
CA PRO A 201 -11.06 -16.42 -2.37
C PRO A 201 -9.83 -16.25 -3.29
N ARG A 202 -10.02 -15.58 -4.42
CA ARG A 202 -8.95 -15.44 -5.44
C ARG A 202 -8.02 -14.27 -5.07
N VAL A 203 -8.47 -13.32 -4.24
CA VAL A 203 -7.59 -12.23 -3.76
C VAL A 203 -7.50 -12.35 -2.25
N VAL A 204 -6.37 -12.73 -1.72
CA VAL A 204 -6.21 -12.92 -0.25
C VAL A 204 -5.57 -11.65 0.27
N THR A 205 -6.16 -11.01 1.27
CA THR A 205 -5.67 -9.72 1.81
C THR A 205 -5.04 -10.01 3.16
N PHE A 206 -3.89 -9.39 3.40
CA PHE A 206 -3.18 -9.45 4.68
C PHE A 206 -2.72 -8.03 5.04
N SER A 207 -3.27 -7.50 6.14
CA SER A 207 -2.91 -6.17 6.67
C SER A 207 -2.27 -6.35 8.07
N VAL A 208 -1.08 -5.77 8.26
CA VAL A 208 -0.46 -5.56 9.59
C VAL A 208 -0.54 -4.06 9.85
N HIS A 209 -0.94 -3.65 11.03
CA HIS A 209 -1.26 -2.23 11.32
C HIS A 209 -1.34 -2.03 12.82
N HIS A 210 -1.38 -0.79 13.24
CA HIS A 210 -1.84 -0.39 14.59
C HIS A 210 -3.37 -0.43 14.60
N ALA A 211 -3.94 -0.99 15.67
CA ALA A 211 -5.38 -0.91 15.99
C ALA A 211 -5.49 -0.54 17.48
N SER A 212 -6.29 0.46 17.80
CA SER A 212 -6.55 0.87 19.20
C SER A 212 -7.79 1.74 19.25
N PRO A 213 -8.44 1.87 20.41
CA PRO A 213 -9.70 2.62 20.47
C PRO A 213 -9.51 4.05 19.98
N GLY A 214 -10.34 4.42 19.01
CA GLY A 214 -10.37 5.76 18.42
C GLY A 214 -9.30 5.97 17.34
N PHE A 215 -8.50 4.96 17.02
CA PHE A 215 -7.43 5.10 15.98
C PHE A 215 -8.06 4.75 14.64
N PHE A 216 -7.85 5.57 13.61
CA PHE A 216 -8.37 5.36 12.22
C PHE A 216 -7.84 4.08 11.58
N PRO A 217 -8.66 3.33 10.83
CA PRO A 217 -10.10 3.58 10.70
C PRO A 217 -11.00 2.76 11.64
N GLY A 218 -10.41 1.92 12.51
CA GLY A 218 -11.13 1.23 13.60
C GLY A 218 -11.24 -0.25 13.33
N THR A 219 -11.03 -0.68 12.09
CA THR A 219 -11.19 -2.07 11.67
C THR A 219 -9.82 -2.78 11.71
N GLY A 220 -9.83 -4.04 11.35
CA GLY A 220 -8.62 -4.89 11.31
C GLY A 220 -8.33 -5.43 12.68
N THR A 221 -9.35 -5.52 13.54
CA THR A 221 -9.18 -6.07 14.91
C THR A 221 -10.41 -6.89 15.32
N TRP A 222 -10.55 -7.19 16.59
CA TRP A 222 -11.63 -8.05 17.15
C TRP A 222 -12.95 -7.35 16.84
N ASN A 223 -13.98 -8.13 16.48
CA ASN A 223 -15.34 -7.63 16.15
C ASN A 223 -16.13 -7.33 17.45
N MET A 224 -16.55 -6.07 17.59
CA MET A 224 -17.28 -5.52 18.75
C MET A 224 -18.79 -5.63 18.52
N VAL A 225 -19.44 -6.56 19.22
CA VAL A 225 -20.87 -6.95 19.04
C VAL A 225 -21.49 -7.04 20.44
N ASP A 226 -22.83 -6.93 20.52
CA ASP A 226 -23.60 -7.04 21.78
C ASP A 226 -23.83 -8.51 22.14
N ASN A 227 -22.91 -9.07 22.93
CA ASN A 227 -23.06 -10.28 23.78
C ASN A 227 -21.84 -10.28 24.71
N ASP A 228 -21.80 -11.17 25.71
CA ASP A 228 -20.68 -11.31 26.68
C ASP A 228 -19.69 -12.37 26.16
N LYS A 229 -19.98 -12.98 25.00
CA LYS A 229 -19.12 -13.97 24.29
C LYS A 229 -17.74 -13.35 23.96
N LEU A 230 -16.70 -14.18 23.90
CA LEU A 230 -15.32 -13.80 23.50
C LEU A 230 -15.38 -13.17 22.10
N PRO A 231 -14.74 -11.99 21.87
CA PRO A 231 -14.68 -11.40 20.53
C PRO A 231 -13.87 -12.30 19.57
N ILE A 232 -14.21 -12.26 18.28
CA ILE A 232 -13.48 -12.98 17.19
C ILE A 232 -13.25 -12.05 15.99
N PHE A 233 -12.44 -12.52 15.04
CA PHE A 233 -12.06 -11.75 13.82
C PHE A 233 -13.01 -12.13 12.70
N LEU A 234 -13.68 -11.16 12.09
CA LEU A 234 -14.29 -11.35 10.76
C LEU A 234 -13.14 -11.47 9.77
N ASN A 235 -13.30 -12.33 8.77
CA ASN A 235 -12.18 -12.75 7.89
C ASN A 235 -12.69 -13.02 6.48
N GLY A 236 -13.79 -12.39 6.10
CA GLY A 236 -14.40 -12.53 4.75
C GLY A 236 -15.71 -13.30 4.82
N ALA A 237 -16.37 -13.44 3.68
CA ALA A 237 -17.71 -14.08 3.66
C ALA A 237 -17.96 -14.88 2.38
N GLY A 238 -18.94 -15.79 2.44
CA GLY A 238 -19.29 -16.67 1.33
C GLY A 238 -18.08 -17.48 0.90
N ARG A 239 -17.80 -17.48 -0.39
CA ARG A 239 -16.63 -18.18 -0.96
C ARG A 239 -15.34 -17.49 -0.46
N GLY A 240 -15.47 -16.26 0.08
CA GLY A 240 -14.34 -15.45 0.57
C GLY A 240 -14.06 -15.67 2.04
N ARG A 241 -14.78 -16.59 2.69
CA ARG A 241 -14.56 -16.87 4.13
C ARG A 241 -13.09 -17.21 4.35
N PHE A 242 -12.49 -16.66 5.40
CA PHE A 242 -11.08 -16.93 5.83
C PHE A 242 -10.04 -16.26 4.90
N SER A 243 -10.43 -15.44 3.94
CA SER A 243 -9.48 -14.94 2.91
C SER A 243 -8.94 -13.56 3.27
N ALA A 244 -9.47 -12.92 4.32
CA ALA A 244 -9.01 -11.61 4.82
C ALA A 244 -8.27 -11.80 6.15
N PHE A 245 -6.96 -11.53 6.13
CA PHE A 245 -6.04 -11.70 7.28
C PHE A 245 -5.68 -10.33 7.86
N ASN A 246 -5.60 -10.27 9.20
CA ASN A 246 -5.29 -9.04 9.96
C ASN A 246 -4.42 -9.39 11.16
N LEU A 247 -3.41 -8.56 11.38
CA LEU A 247 -2.51 -8.56 12.55
C LEU A 247 -2.42 -7.16 13.12
N PRO A 248 -3.23 -6.85 14.16
CA PRO A 248 -3.18 -5.58 14.85
C PRO A 248 -2.08 -5.64 15.91
N LEU A 249 -1.30 -4.58 16.02
CA LEU A 249 -0.10 -4.53 16.89
C LEU A 249 -0.20 -3.28 17.75
N GLU A 250 0.26 -3.42 19.00
CA GLU A 250 0.29 -2.34 19.99
C GLU A 250 1.37 -1.34 19.60
N GLU A 251 1.25 -0.10 20.04
CA GLU A 251 2.23 0.96 19.72
C GLU A 251 3.59 0.59 20.29
N GLY A 252 4.65 1.12 19.71
CA GLY A 252 6.04 0.99 20.21
C GLY A 252 6.86 -0.11 19.55
N ILE A 253 6.31 -0.92 18.64
CA ILE A 253 7.02 -2.12 18.12
C ILE A 253 8.22 -1.69 17.25
N ASN A 254 9.35 -2.39 17.39
CA ASN A 254 10.64 -2.08 16.72
C ASN A 254 10.79 -2.96 15.46
N ASP A 255 11.87 -2.81 14.72
CA ASP A 255 12.14 -3.58 13.47
C ASP A 255 12.06 -5.08 13.74
N LEU A 256 12.79 -5.55 14.74
CA LEU A 256 12.96 -7.02 14.93
C LEU A 256 11.60 -7.63 15.30
N ASP A 257 10.88 -7.04 16.24
CA ASP A 257 9.61 -7.63 16.72
C ASP A 257 8.57 -7.57 15.59
N TRP A 258 8.50 -6.47 14.85
CA TRP A 258 7.55 -6.41 13.70
C TRP A 258 7.93 -7.45 12.63
N SER A 259 9.24 -7.64 12.33
CA SER A 259 9.77 -8.65 11.38
C SER A 259 9.37 -10.05 11.86
N ASN A 260 9.56 -10.36 13.14
CA ASN A 260 9.21 -11.69 13.71
C ASN A 260 7.69 -11.89 13.70
N ALA A 261 6.91 -10.83 13.94
CA ALA A 261 5.43 -10.87 13.89
C ALA A 261 4.94 -11.25 12.48
N ILE A 262 5.50 -10.67 11.41
CA ILE A 262 4.92 -10.87 10.05
C ILE A 262 5.62 -11.98 9.24
N GLY A 263 6.88 -12.31 9.52
CA GLY A 263 7.69 -13.17 8.65
C GLY A 263 7.04 -14.55 8.46
N PRO A 264 6.75 -15.28 9.54
CA PRO A 264 6.11 -16.58 9.43
C PRO A 264 4.77 -16.48 8.68
N ILE A 265 4.06 -15.37 8.85
CA ILE A 265 2.72 -15.22 8.20
C ILE A 265 2.94 -15.08 6.71
N LEU A 266 3.91 -14.28 6.31
CA LEU A 266 4.19 -14.09 4.87
C LEU A 266 4.62 -15.44 4.29
N ASP A 267 5.54 -16.16 4.94
CA ASP A 267 6.08 -17.45 4.43
C ASP A 267 4.89 -18.40 4.16
N SER A 268 3.98 -18.52 5.13
CA SER A 268 2.82 -19.44 5.15
C SER A 268 1.83 -19.07 4.04
N LEU A 269 1.53 -17.79 3.88
CA LEU A 269 0.57 -17.34 2.84
C LEU A 269 1.13 -17.71 1.47
N ASN A 270 2.42 -17.45 1.24
CA ASN A 270 3.04 -17.76 -0.07
C ASN A 270 2.94 -19.27 -0.31
N ILE A 271 3.34 -20.08 0.66
CA ILE A 271 3.37 -21.56 0.46
C ILE A 271 1.96 -22.06 0.20
N VAL A 272 0.97 -21.59 0.94
CA VAL A 272 -0.40 -22.16 0.85
C VAL A 272 -1.12 -21.60 -0.37
N ILE A 273 -1.09 -20.28 -0.59
CA ILE A 273 -1.87 -19.64 -1.68
C ILE A 273 -1.18 -19.87 -3.03
N GLN A 274 0.15 -19.91 -3.07
CA GLN A 274 0.90 -19.96 -4.36
C GLN A 274 0.39 -18.87 -5.30
N PRO A 275 0.51 -17.58 -4.93
CA PRO A 275 -0.03 -16.50 -5.74
C PRO A 275 0.63 -16.37 -7.12
N SER A 276 -0.13 -15.86 -8.08
CA SER A 276 0.33 -15.55 -9.45
C SER A 276 0.97 -14.17 -9.42
N TYR A 277 0.48 -13.30 -8.51
CA TYR A 277 0.94 -11.91 -8.30
C TYR A 277 0.87 -11.60 -6.81
N VAL A 278 1.79 -10.74 -6.38
CA VAL A 278 1.83 -10.13 -5.03
C VAL A 278 1.72 -8.61 -5.24
N VAL A 279 0.86 -7.97 -4.47
CA VAL A 279 0.74 -6.50 -4.43
C VAL A 279 1.04 -6.07 -3.00
N VAL A 280 2.06 -5.22 -2.84
CA VAL A 280 2.55 -4.72 -1.53
C VAL A 280 2.25 -3.24 -1.44
N GLN A 281 1.51 -2.85 -0.43
CA GLN A 281 1.38 -1.45 -0.01
C GLN A 281 2.46 -1.22 1.06
N CYS A 282 3.32 -0.22 0.83
CA CYS A 282 4.54 0.06 1.62
CA CYS A 282 4.53 0.07 1.62
C CYS A 282 4.45 1.46 2.25
N GLY A 283 3.25 1.83 2.71
CA GLY A 283 3.04 3.07 3.49
C GLY A 283 4.16 3.22 4.51
N ALA A 284 4.81 4.39 4.55
CA ALA A 284 6.04 4.67 5.33
C ALA A 284 5.70 5.22 6.72
N ASP A 285 4.43 5.15 7.13
CA ASP A 285 3.98 5.79 8.38
C ASP A 285 4.23 4.89 9.63
N CYS A 286 4.86 3.71 9.47
CA CYS A 286 5.38 2.91 10.61
C CYS A 286 6.77 3.40 11.06
N LEU A 287 7.44 4.27 10.28
CA LEU A 287 8.78 4.77 10.65
C LEU A 287 8.69 5.44 12.03
N ALA A 288 9.74 5.28 12.86
CA ALA A 288 9.83 5.87 14.23
C ALA A 288 9.62 7.38 14.14
N THR A 289 10.01 7.98 13.01
CA THR A 289 10.06 9.44 12.80
C THR A 289 8.78 9.95 12.12
N ASP A 290 7.83 9.08 11.82
CA ASP A 290 6.53 9.55 11.28
C ASP A 290 5.89 10.38 12.40
N PRO A 291 5.23 11.53 12.11
CA PRO A 291 4.62 12.32 13.18
C PRO A 291 3.48 11.62 13.91
N HIS A 292 2.90 10.52 13.41
CA HIS A 292 1.95 9.70 14.22
C HIS A 292 2.67 9.20 15.49
N ARG A 293 3.96 8.87 15.35
CA ARG A 293 4.84 8.33 16.43
C ARG A 293 4.20 7.09 17.05
N ILE A 294 3.83 6.10 16.24
CA ILE A 294 3.16 4.89 16.79
CA ILE A 294 3.16 4.89 16.80
C ILE A 294 4.15 3.72 16.77
N PHE A 295 4.62 3.32 15.61
CA PHE A 295 5.60 2.22 15.52
C PHE A 295 6.98 2.86 15.49
N ARG A 296 8.01 2.04 15.66
CA ARG A 296 9.43 2.47 15.72
C ARG A 296 10.24 1.70 14.67
N LEU A 297 9.69 1.52 13.48
CA LEU A 297 10.48 0.93 12.37
C LEU A 297 11.53 1.94 11.87
N THR A 298 12.51 1.45 11.12
CA THR A 298 13.59 2.28 10.54
C THR A 298 13.70 1.93 9.06
N ASN A 299 14.63 2.58 8.37
CA ASN A 299 15.09 2.21 7.03
C ASN A 299 16.53 1.65 7.09
N PHE A 300 16.97 1.11 8.24
CA PHE A 300 18.39 0.71 8.37
C PHE A 300 18.63 -0.57 7.59
N TYR A 301 19.82 -0.66 6.99
CA TYR A 301 20.26 -1.80 6.15
C TYR A 301 21.71 -2.13 6.52
N PRO A 302 21.97 -2.91 7.58
CA PRO A 302 23.33 -3.08 8.11
C PRO A 302 24.12 -4.21 7.44
N SER A 315 20.50 -4.39 13.21
CA SER A 315 19.02 -4.53 13.06
C SER A 315 18.56 -4.01 11.68
N LEU A 316 17.90 -4.91 10.94
CA LEU A 316 17.38 -4.70 9.57
C LEU A 316 16.02 -4.00 9.66
N SER A 317 15.83 -2.90 8.96
CA SER A 317 14.49 -2.30 8.70
C SER A 317 13.44 -3.39 8.55
N GLY A 318 12.33 -3.33 9.28
CA GLY A 318 11.25 -4.30 9.09
C GLY A 318 10.76 -4.27 7.67
N TYR A 319 10.64 -3.08 7.09
CA TYR A 319 10.20 -2.85 5.70
C TYR A 319 11.11 -3.59 4.72
N LEU A 320 12.43 -3.47 4.87
CA LEU A 320 13.40 -4.11 3.95
C LEU A 320 13.38 -5.62 4.18
N TYR A 321 13.21 -6.06 5.42
CA TYR A 321 13.05 -7.47 5.76
C TYR A 321 11.85 -8.04 4.99
N ALA A 322 10.70 -7.37 5.05
CA ALA A 322 9.45 -7.86 4.40
C ALA A 322 9.59 -7.87 2.85
N ILE A 323 10.15 -6.81 2.28
CA ILE A 323 10.31 -6.70 0.80
C ILE A 323 11.28 -7.78 0.32
N LYS A 324 12.42 -7.96 1.00
CA LYS A 324 13.40 -9.01 0.63
C LYS A 324 12.71 -10.37 0.66
N LYS A 325 11.96 -10.70 1.71
CA LYS A 325 11.25 -12.01 1.80
C LYS A 325 10.29 -12.13 0.60
N ILE A 326 9.45 -11.11 0.35
CA ILE A 326 8.44 -11.17 -0.74
C ILE A 326 9.13 -11.39 -2.08
N LEU A 327 10.22 -10.66 -2.32
CA LEU A 327 10.91 -10.72 -3.63
C LEU A 327 11.60 -12.09 -3.80
N SER A 328 11.97 -12.75 -2.71
CA SER A 328 12.62 -14.08 -2.70
C SER A 328 11.69 -15.14 -3.30
N TRP A 329 10.38 -14.87 -3.37
CA TRP A 329 9.38 -15.83 -3.91
C TRP A 329 9.47 -15.90 -5.44
N LYS A 330 10.04 -14.88 -6.07
CA LYS A 330 10.13 -14.74 -7.55
C LYS A 330 8.72 -14.80 -8.15
N VAL A 331 7.76 -14.13 -7.51
CA VAL A 331 6.39 -13.93 -8.05
C VAL A 331 6.32 -12.50 -8.57
N PRO A 332 5.77 -12.25 -9.77
CA PRO A 332 5.61 -10.89 -10.25
C PRO A 332 4.94 -10.02 -9.17
N THR A 333 5.50 -8.85 -8.87
CA THR A 333 5.10 -8.05 -7.68
C THR A 333 4.91 -6.60 -8.05
N LEU A 334 3.87 -6.00 -7.50
CA LEU A 334 3.62 -4.56 -7.55
C LEU A 334 3.89 -4.02 -6.16
N ILE A 335 4.79 -3.06 -6.08
CA ILE A 335 5.12 -2.33 -4.84
C ILE A 335 4.52 -0.93 -4.97
N LEU A 336 3.67 -0.55 -4.00
CA LEU A 336 2.96 0.75 -3.95
C LEU A 336 3.39 1.53 -2.72
N GLY A 337 3.15 2.84 -2.75
CA GLY A 337 3.37 3.77 -1.64
C GLY A 337 2.19 3.73 -0.72
N GLY A 338 1.78 4.87 -0.21
CA GLY A 338 0.66 5.03 0.73
C GLY A 338 0.94 6.11 1.74
N GLY A 339 0.60 5.86 3.00
CA GLY A 339 0.88 6.82 4.09
C GLY A 339 2.37 7.16 4.18
N GLY A 340 2.69 8.19 4.93
CA GLY A 340 4.06 8.66 5.18
C GLY A 340 4.07 10.16 5.16
N TYR A 341 4.02 10.76 6.35
CA TYR A 341 3.77 12.20 6.60
C TYR A 341 5.08 12.91 6.95
N ASN A 342 6.19 12.17 7.10
CA ASN A 342 7.56 12.76 7.16
C ASN A 342 8.17 12.56 5.77
N PHE A 343 8.15 13.59 4.94
CA PHE A 343 8.41 13.43 3.48
C PHE A 343 9.86 12.98 3.29
N PRO A 344 10.87 13.66 3.90
CA PRO A 344 12.26 13.25 3.71
C PRO A 344 12.52 11.80 4.21
N ASP A 345 11.94 11.38 5.34
CA ASP A 345 12.17 10.00 5.81
C ASP A 345 11.42 9.00 4.92
N THR A 346 10.25 9.38 4.40
CA THR A 346 9.54 8.51 3.43
C THR A 346 10.42 8.29 2.19
N ALA A 347 11.01 9.35 1.67
CA ALA A 347 11.96 9.26 0.52
C ALA A 347 13.17 8.38 0.87
N ARG A 348 13.73 8.57 2.07
CA ARG A 348 14.84 7.70 2.58
C ARG A 348 14.42 6.24 2.55
N LEU A 349 13.24 5.91 3.08
CA LEU A 349 12.85 4.48 3.13
C LEU A 349 12.67 3.96 1.69
N TRP A 350 11.87 4.68 0.89
CA TRP A 350 11.45 4.20 -0.45
C TRP A 350 12.65 4.14 -1.42
N THR A 351 13.65 5.00 -1.28
CA THR A 351 14.93 4.85 -2.04
C THR A 351 15.59 3.50 -1.72
N ARG A 352 15.67 3.15 -0.44
CA ARG A 352 16.30 1.87 -0.01
C ARG A 352 15.46 0.71 -0.52
N VAL A 353 14.11 0.82 -0.49
CA VAL A 353 13.24 -0.27 -1.01
C VAL A 353 13.54 -0.42 -2.51
N THR A 354 13.68 0.71 -3.22
CA THR A 354 13.93 0.70 -4.68
C THR A 354 15.29 0.04 -4.97
N ALA A 355 16.34 0.37 -4.22
CA ALA A 355 17.69 -0.23 -4.37
C ALA A 355 17.66 -1.72 -4.07
N LEU A 356 17.02 -2.11 -2.99
CA LEU A 356 16.89 -3.52 -2.64
C LEU A 356 16.19 -4.29 -3.76
N THR A 357 15.17 -3.70 -4.40
CA THR A 357 14.37 -4.37 -5.46
C THR A 357 15.29 -4.57 -6.67
N ILE A 358 16.08 -3.56 -7.04
CA ILE A 358 17.11 -3.70 -8.11
C ILE A 358 18.03 -4.89 -7.76
N GLU A 359 18.53 -4.95 -6.52
CA GLU A 359 19.49 -6.00 -6.10
C GLU A 359 18.88 -7.37 -6.19
N GLU A 360 17.68 -7.59 -5.64
CA GLU A 360 17.07 -8.95 -5.59
C GLU A 360 16.64 -9.41 -6.99
N VAL A 361 16.13 -8.50 -7.83
CA VAL A 361 15.51 -8.85 -9.13
C VAL A 361 16.57 -8.90 -10.22
N LYS A 362 17.42 -7.89 -10.35
CA LYS A 362 18.50 -7.87 -11.36
C LYS A 362 19.71 -8.69 -10.90
N GLY A 363 19.81 -9.03 -9.61
CA GLY A 363 21.01 -9.69 -9.04
C GLY A 363 22.23 -8.80 -9.13
N LYS A 364 22.05 -7.49 -9.00
CA LYS A 364 23.09 -6.46 -9.22
C LYS A 364 23.22 -5.65 -7.93
N LYS A 365 24.34 -5.80 -7.22
CA LYS A 365 24.54 -5.11 -5.93
C LYS A 365 24.58 -3.61 -6.18
N MET A 366 23.89 -2.85 -5.32
CA MET A 366 23.76 -1.38 -5.41
C MET A 366 24.43 -0.78 -4.18
N THR A 367 25.47 0.03 -4.36
CA THR A 367 26.20 0.67 -3.24
C THR A 367 25.66 2.08 -3.12
N ILE A 368 24.88 2.31 -2.08
CA ILE A 368 24.28 3.63 -1.76
C ILE A 368 25.18 4.34 -0.74
N SER A 369 25.71 5.51 -1.06
CA SER A 369 26.47 6.31 -0.08
C SER A 369 25.57 6.57 1.13
N PRO A 370 26.09 6.47 2.36
CA PRO A 370 25.33 6.85 3.55
C PRO A 370 25.08 8.36 3.64
N GLU A 371 25.76 9.18 2.83
CA GLU A 371 25.50 10.64 2.74
C GLU A 371 24.49 10.91 1.63
N ILE A 372 23.48 11.73 1.89
CA ILE A 372 22.52 12.16 0.85
C ILE A 372 23.33 12.88 -0.22
N PRO A 373 23.26 12.50 -1.52
CA PRO A 373 23.92 13.24 -2.58
C PRO A 373 23.29 14.62 -2.78
N GLU A 374 24.11 15.56 -3.25
CA GLU A 374 23.65 16.92 -3.64
C GLU A 374 22.61 16.78 -4.76
N HIS A 375 21.51 17.52 -4.64
CA HIS A 375 20.37 17.60 -5.59
C HIS A 375 19.47 18.74 -5.09
N SER A 376 18.45 19.12 -5.85
CA SER A 376 17.57 20.29 -5.60
C SER A 376 17.02 20.25 -4.17
N TYR A 377 16.67 19.06 -3.67
CA TYR A 377 15.93 18.89 -2.38
C TYR A 377 16.90 18.57 -1.24
N PHE A 378 18.21 18.68 -1.49
CA PHE A 378 19.26 18.32 -0.51
C PHE A 378 18.95 18.99 0.83
N SER A 379 18.56 20.26 0.87
CA SER A 379 18.37 21.02 2.13
C SER A 379 17.27 20.39 2.99
N ARG A 380 16.32 19.67 2.37
CA ARG A 380 15.18 19.02 3.07
C ARG A 380 15.68 17.86 3.94
N TYR A 381 16.94 17.41 3.81
CA TYR A 381 17.42 16.17 4.50
C TYR A 381 18.22 16.51 5.76
N GLY A 382 18.10 17.73 6.28
CA GLY A 382 18.77 18.14 7.54
C GLY A 382 18.15 17.51 8.78
N PRO A 383 18.81 17.60 9.97
CA PRO A 383 20.12 18.22 10.08
C PRO A 383 21.33 17.32 9.78
N ASP A 384 21.18 16.00 9.59
CA ASP A 384 22.38 15.12 9.41
C ASP A 384 22.69 14.84 7.93
N PHE A 385 21.73 14.95 7.01
CA PHE A 385 21.96 14.71 5.56
C PHE A 385 22.52 13.28 5.34
N GLU A 386 22.15 12.33 6.20
CA GLU A 386 22.47 10.89 6.00
C GLU A 386 21.21 10.13 5.51
N LEU A 387 21.43 8.97 4.88
CA LEU A 387 20.36 8.09 4.32
C LEU A 387 19.59 7.40 5.47
N ASP A 388 20.28 6.97 6.52
CA ASP A 388 19.61 6.42 7.73
C ASP A 388 18.72 7.50 8.34
N ILE A 389 17.52 7.15 8.77
CA ILE A 389 16.67 8.12 9.50
C ILE A 389 17.37 8.50 10.82
N ASP A 390 17.09 9.69 11.32
CA ASP A 390 17.75 10.27 12.51
C ASP A 390 17.00 9.77 13.74
N TYR A 391 17.22 8.50 14.04
CA TYR A 391 16.54 7.79 15.15
C TYR A 391 17.50 6.75 15.73
N PHE A 392 17.51 6.65 17.06
CA PHE A 392 18.35 5.67 17.81
C PHE A 392 17.47 4.67 18.52
N PRO A 393 17.17 3.49 17.93
CA PRO A 393 16.36 2.50 18.64
C PRO A 393 16.97 2.19 20.02
N HIS A 394 16.11 1.93 20.99
CA HIS A 394 16.49 1.51 22.38
C HIS A 394 15.67 0.27 22.75
N LYS A 395 15.83 -0.23 23.98
CA LYS A 395 15.03 -1.33 24.59
C LYS A 395 13.53 -1.09 24.34
N ASP A 402 3.29 -14.13 23.89
CA ASP A 402 2.92 -12.76 23.46
C ASP A 402 1.45 -12.79 22.99
N SER A 403 0.77 -11.64 22.95
CA SER A 403 -0.43 -11.48 22.10
C SER A 403 -0.09 -11.87 20.66
N ILE A 404 1.16 -11.68 20.23
CA ILE A 404 1.64 -12.03 18.85
C ILE A 404 1.58 -13.55 18.67
N GLN A 405 2.10 -14.34 19.61
CA GLN A 405 2.04 -15.82 19.54
C GLN A 405 0.57 -16.27 19.45
N LYS A 406 -0.32 -15.63 20.21
CA LYS A 406 -1.78 -15.87 20.16
C LYS A 406 -2.32 -15.51 18.76
N HIS A 407 -1.92 -14.35 18.25
CA HIS A 407 -2.27 -13.92 16.87
C HIS A 407 -1.77 -14.95 15.85
N HIS A 408 -0.54 -15.47 16.01
CA HIS A 408 0.07 -16.49 15.11
C HIS A 408 -0.75 -17.79 15.08
N ARG A 409 -1.22 -18.28 16.25
CA ARG A 409 -2.03 -19.52 16.33
CA ARG A 409 -2.06 -19.50 16.37
C ARG A 409 -3.37 -19.29 15.60
N ARG A 410 -4.04 -18.17 15.88
CA ARG A 410 -5.31 -17.76 15.24
C ARG A 410 -5.10 -17.68 13.71
N ILE A 411 -4.05 -17.00 13.28
CA ILE A 411 -3.79 -16.83 11.82
C ILE A 411 -3.51 -18.18 11.18
N LEU A 412 -2.69 -19.00 11.81
CA LEU A 412 -2.38 -20.35 11.28
C LEU A 412 -3.67 -21.18 11.11
N GLU A 413 -4.57 -21.11 12.09
CA GLU A 413 -5.88 -21.83 12.03
C GLU A 413 -6.71 -21.23 10.88
N GLN A 414 -6.72 -19.90 10.72
CA GLN A 414 -7.46 -19.23 9.62
C GLN A 414 -6.93 -19.75 8.30
N LEU A 415 -5.61 -19.89 8.17
CA LEU A 415 -5.01 -20.31 6.87
C LEU A 415 -5.38 -21.78 6.58
N ARG A 416 -5.43 -22.61 7.61
CA ARG A 416 -5.84 -24.03 7.44
C ARG A 416 -7.30 -24.03 6.96
N ASN A 417 -8.14 -23.25 7.62
CA ASN A 417 -9.56 -23.06 7.21
C ASN A 417 -9.63 -22.58 5.75
N TYR A 418 -8.84 -21.58 5.36
CA TYR A 418 -8.87 -21.05 3.98
C TYR A 418 -8.52 -22.17 3.02
N ALA A 419 -7.47 -22.93 3.33
CA ALA A 419 -6.95 -24.00 2.46
C ALA A 419 -8.02 -25.08 2.27
N ASP A 420 -8.59 -25.57 3.37
CA ASP A 420 -9.61 -26.65 3.33
C ASP A 420 -10.79 -26.14 2.49
N LEU A 421 -11.31 -24.95 2.80
CA LEU A 421 -12.45 -24.39 2.05
C LEU A 421 -12.14 -24.35 0.54
N ASN A 422 -10.91 -24.00 0.14
CA ASN A 422 -10.57 -23.78 -1.29
C ASN A 422 -9.86 -24.98 -1.91
N LYS A 423 -9.80 -26.11 -1.19
CA LYS A 423 -9.39 -27.44 -1.71
C LYS A 423 -7.92 -27.37 -2.14
N LEU A 424 -7.10 -26.61 -1.41
CA LEU A 424 -5.65 -26.46 -1.69
C LEU A 424 -4.90 -27.52 -0.87
N ILE A 425 -3.93 -28.19 -1.48
CA ILE A 425 -3.05 -29.21 -0.83
C ILE A 425 -1.78 -28.47 -0.38
N TYR A 426 -1.26 -28.81 0.81
CA TYR A 426 -0.02 -28.21 1.40
C TYR A 426 0.51 -29.12 2.52
N ASP A 427 1.80 -29.00 2.83
CA ASP A 427 2.54 -29.92 3.75
C ASP A 427 2.01 -29.81 5.18
N TYR A 428 1.54 -28.62 5.58
CA TYR A 428 0.94 -28.29 6.90
C TYR A 428 1.91 -28.48 8.06
N ASP A 429 2.67 -29.59 8.09
CA ASP A 429 3.77 -29.72 9.08
C ASP A 429 4.81 -28.63 8.75
N GLN A 430 5.20 -28.52 7.48
CA GLN A 430 6.16 -27.47 7.01
C GLN A 430 5.66 -26.10 7.47
N VAL A 431 4.37 -25.83 7.27
CA VAL A 431 3.69 -24.52 7.56
C VAL A 431 3.63 -24.29 9.08
N TYR A 432 3.25 -25.31 9.86
CA TYR A 432 3.26 -25.27 11.34
C TYR A 432 4.69 -24.99 11.84
N GLN A 433 5.72 -25.49 11.15
CA GLN A 433 7.17 -25.33 11.54
C GLN A 433 7.61 -23.85 11.43
N LEU A 434 7.17 -23.14 10.38
CA LEU A 434 7.55 -21.72 10.09
C LEU A 434 7.29 -20.87 11.35
N TYR A 435 6.21 -21.18 12.06
CA TYR A 435 5.86 -20.59 13.38
C TYR A 435 6.60 -21.36 14.49
ZN ZN B . -1.30 5.04 6.91
K K C . -1.51 -2.09 6.99
K K D . -10.63 -11.89 -0.08
K K E . 12.63 10.89 -12.20
CL CL F . 9.22 12.14 -12.11
O1 TLA G . -3.41 9.37 7.63
O11 TLA G . -5.30 8.51 8.43
C1 TLA G . -4.32 8.52 7.62
C2 TLA G . -4.33 7.45 6.51
O2 TLA G . -4.75 6.20 7.03
C3 TLA G . -2.99 7.32 5.72
O3 TLA G . -1.81 6.95 6.42
C4 TLA G . -3.11 6.23 4.68
O4 TLA G . -2.93 5.11 5.11
O41 TLA G . -3.34 6.57 3.52
C7 4WB H . -18.14 -3.27 6.07
C1 4WB H . -18.23 -3.14 2.39
C2 4WB H . -17.95 -4.23 1.55
C3 4WB H . -17.88 -5.52 2.07
C4 4WB H . -18.04 -5.76 3.41
C5 4WB H . -18.29 -4.66 4.24
C6 4WB H . -18.39 -3.36 3.75
N1 4WB H . -18.51 -4.64 5.63
C8 4WB H . -18.71 -2.40 4.91
C9 4WB H . -18.59 -2.91 7.48
C10 4WB H . -17.71 -2.24 8.32
C11 4WB H . -18.10 -1.91 9.60
C12 4WB H . -19.36 -2.24 10.08
C13 4WB H . -20.23 -2.90 9.25
C14 4WB H . -19.86 -3.24 7.95
CL1 4WB H . -16.97 -1.07 10.61
C15 4WB H . -18.00 -1.03 4.91
C16 4WB H . -20.23 -2.16 4.92
C17 4WB H . -20.65 -1.24 3.78
C18 4WB H . -18.53 -0.07 3.84
N2 4WB H . -19.99 0.06 3.87
C19 4WB H . -20.46 0.96 2.80
C20 4WB H . -18.25 -5.79 6.47
C21 4WB H . -16.82 -5.81 6.91
C22 4WB H . -15.69 -5.89 6.10
C23 4WB H . -14.48 -5.71 6.83
C24 4WB H . -14.71 -5.72 8.20
S1 4WB H . -16.39 -5.65 8.58
C25 4WB H . -13.68 -5.79 9.30
N3 4WB H . -12.46 -6.19 8.95
O1 4WB H . -13.96 -5.51 10.47
O2 4WB H . -11.38 -6.04 9.81
#